data_7PCP
#
_entry.id   7PCP
#
_cell.length_a   67.220
_cell.length_b   131.820
_cell.length_c   66.324
_cell.angle_alpha   90.000
_cell.angle_beta   90.000
_cell.angle_gamma   90.000
#
_symmetry.space_group_name_H-M   'P 21 21 2'
#
loop_
_entity.id
_entity.type
_entity.pdbx_description
1 polymer "5'-nucleotidase"
2 non-polymer 'ZINC ION'
3 non-polymer 'CALCIUM ION'
4 non-polymer 'DIMETHYL SULFOXIDE'
5 non-polymer 5-IODOURACIL
6 water water
#
_entity_poly.entity_id   1
_entity_poly.type   'polypeptide(L)'
_entity_poly.pdbx_seq_one_letter_code
;MAHHHHHHVGTGSNDDDDKSPDPWELTILHTNDVHSRLEQTSEDSSKCVDASRCMGGVARLFTKVQQIRRAEPNVLLLDA
GDQYQGTIWFTVYKGAEVAHFMNALRYDAMALGNHEFDNGVEGLIEPLLKEAKFPILSANISASGPLASQISGLYLPYKV
LPVGDEVVGIVGYTSKETPFLSNPGTNLVFEDEITALQPEVDKLKTLNVNKIIALGHSGFEMDKLIAQKVRGVDVVVGGH
SNTFLYTGNPPSKEVPAGKYPFIVTSDDGRKVPVVQAYAFGKYLGYLKIEFDERGNVISSHGNPILLDSSIPEDPSIKAD
INKWRIKLDDYSTQELGKTIVYLDGSSQSCRFRECNMGNLICDAMINNNLRHADEMFWNHVSMCILNGGGIRSPIDERND
GTITWENLAAVLPFGGTFDLVQLKGSTLKKAFEHSVHRYGQSTGEFLQVGGIHVVYDLSRKPGDRVVKLDVLCTSCRVPS
YDPLKMDEVYKVILPNFLANGGDGFQMIKDELLRHDSGDQDINVVSTYISKMKVIYPAVEGRIKFS
;
_entity_poly.pdbx_strand_id   A
#
# COMPACT_ATOMS: atom_id res chain seq x y z
N PRO A 23 -8.51 -34.60 15.49
CA PRO A 23 -8.26 -33.15 15.26
C PRO A 23 -8.73 -32.75 13.86
N TRP A 24 -9.30 -31.56 13.75
CA TRP A 24 -9.80 -31.01 12.48
C TRP A 24 -8.78 -29.99 11.93
N GLU A 25 -8.27 -30.24 10.74
CA GLU A 25 -7.14 -29.46 10.18
C GLU A 25 -7.66 -28.49 9.15
N LEU A 26 -7.35 -27.22 9.29
CA LEU A 26 -7.73 -26.15 8.34
C LEU A 26 -6.44 -25.65 7.68
N THR A 27 -6.46 -25.48 6.37
CA THR A 27 -5.43 -24.81 5.55
C THR A 27 -5.90 -23.41 5.22
N ILE A 28 -5.24 -22.41 5.78
CA ILE A 28 -5.47 -20.99 5.45
C ILE A 28 -4.45 -20.51 4.41
N LEU A 29 -4.96 -20.16 3.24
CA LEU A 29 -4.22 -19.55 2.17
C LEU A 29 -4.53 -18.06 2.21
N HIS A 30 -3.49 -17.22 2.13
CA HIS A 30 -3.81 -15.79 2.30
C HIS A 30 -2.86 -14.87 1.53
N THR A 31 -3.43 -13.80 1.01
CA THR A 31 -2.76 -12.69 0.34
C THR A 31 -3.09 -11.40 1.08
N ASN A 32 -2.23 -10.40 0.83
CA ASN A 32 -2.44 -9.05 1.38
C ASN A 32 -1.62 -8.07 0.55
N ASP A 33 -2.15 -6.86 0.44
CA ASP A 33 -1.40 -5.76 -0.23
C ASP A 33 -0.90 -6.22 -1.60
N VAL A 34 -1.75 -6.89 -2.34
CA VAL A 34 -1.45 -7.30 -3.73
C VAL A 34 -1.23 -6.04 -4.60
N HIS A 35 -2.00 -4.99 -4.33
CA HIS A 35 -1.72 -3.67 -4.96
C HIS A 35 -1.55 -3.81 -6.46
N SER A 36 -2.59 -4.39 -7.09
CA SER A 36 -2.79 -4.25 -8.54
CA SER A 36 -2.80 -4.28 -8.55
C SER A 36 -1.70 -5.01 -9.32
N ARG A 37 -1.05 -5.97 -8.67
CA ARG A 37 -0.07 -6.82 -9.39
C ARG A 37 -0.79 -8.00 -10.06
N LEU A 38 -1.64 -7.68 -11.04
CA LEU A 38 -2.45 -8.72 -11.75
C LEU A 38 -1.47 -9.53 -12.61
N GLU A 39 -0.49 -8.87 -13.22
CA GLU A 39 0.52 -9.55 -14.04
C GLU A 39 1.70 -10.00 -13.19
N GLN A 40 2.40 -11.01 -13.63
CA GLN A 40 3.70 -11.36 -12.99
C GLN A 40 4.63 -10.15 -13.07
N THR A 41 5.56 -10.15 -12.12
CA THR A 41 6.46 -9.02 -11.84
C THR A 41 7.92 -9.48 -11.86
N SER A 42 8.81 -8.49 -11.84
CA SER A 42 10.23 -8.77 -11.49
C SER A 42 10.34 -9.22 -10.02
N GLU A 43 11.53 -9.64 -9.63
CA GLU A 43 11.83 -10.05 -8.23
C GLU A 43 11.54 -8.91 -7.26
N ASP A 44 11.64 -7.63 -7.68
CA ASP A 44 11.42 -6.47 -6.81
C ASP A 44 9.98 -5.92 -7.00
N SER A 45 9.12 -6.67 -7.69
CA SER A 45 7.67 -6.38 -7.81
C SER A 45 7.41 -5.24 -8.79
N SER A 46 8.41 -4.90 -9.57
CA SER A 46 8.24 -3.91 -10.67
C SER A 46 7.91 -4.67 -11.95
N LYS A 47 7.90 -3.98 -13.07
CA LYS A 47 7.59 -4.60 -14.38
C LYS A 47 8.45 -5.85 -14.65
N CYS A 48 7.81 -6.91 -15.11
CA CYS A 48 8.45 -8.16 -15.57
C CYS A 48 9.21 -7.86 -16.86
N VAL A 49 10.52 -8.06 -16.87
CA VAL A 49 11.39 -7.90 -18.07
C VAL A 49 11.91 -9.24 -18.53
N ASP A 50 12.42 -10.06 -17.61
CA ASP A 50 13.00 -11.38 -17.97
C ASP A 50 12.00 -12.44 -17.52
N ALA A 51 11.06 -12.84 -18.41
CA ALA A 51 9.83 -13.59 -18.10
C ALA A 51 10.19 -14.92 -17.40
N SER A 52 11.34 -15.48 -17.80
CA SER A 52 11.85 -16.76 -17.26
C SER A 52 12.20 -16.63 -15.78
N ARG A 53 12.32 -15.41 -15.24
CA ARG A 53 12.65 -15.16 -13.81
C ARG A 53 11.56 -14.33 -13.13
N CYS A 54 10.38 -14.20 -13.73
CA CYS A 54 9.29 -13.38 -13.12
C CYS A 54 8.51 -14.18 -12.07
N MET A 55 7.73 -13.45 -11.28
CA MET A 55 7.14 -13.95 -10.06
C MET A 55 5.72 -13.44 -9.90
N GLY A 56 4.92 -14.17 -9.12
CA GLY A 56 3.60 -13.64 -8.80
C GLY A 56 2.67 -13.58 -10.02
N GLY A 57 1.72 -12.68 -9.87
CA GLY A 57 0.62 -12.48 -10.81
C GLY A 57 -0.49 -13.45 -10.50
N VAL A 58 -1.70 -13.14 -10.96
CA VAL A 58 -2.91 -13.95 -10.61
CA VAL A 58 -2.89 -13.94 -10.61
C VAL A 58 -2.92 -15.28 -11.38
N ALA A 59 -2.33 -15.37 -12.59
CA ALA A 59 -2.34 -16.66 -13.30
C ALA A 59 -1.52 -17.72 -12.57
N ARG A 60 -0.38 -17.32 -12.01
CA ARG A 60 0.49 -18.25 -11.24
C ARG A 60 -0.16 -18.54 -9.89
N LEU A 61 -0.76 -17.55 -9.24
CA LEU A 61 -1.48 -17.78 -7.98
C LEU A 61 -2.55 -18.85 -8.23
N PHE A 62 -3.29 -18.71 -9.34
CA PHE A 62 -4.39 -19.65 -9.65
C PHE A 62 -3.80 -21.07 -9.63
N THR A 63 -2.71 -21.30 -10.34
CA THR A 63 -2.09 -22.65 -10.42
C THR A 63 -1.85 -23.20 -9.01
N LYS A 64 -1.21 -22.41 -8.17
CA LYS A 64 -0.82 -22.90 -6.84
C LYS A 64 -2.06 -23.16 -5.95
N VAL A 65 -3.01 -22.24 -5.95
CA VAL A 65 -4.23 -22.43 -5.14
C VAL A 65 -4.94 -23.72 -5.60
N GLN A 66 -5.10 -23.88 -6.90
CA GLN A 66 -5.77 -25.06 -7.45
C GLN A 66 -5.05 -26.31 -6.99
N GLN A 67 -3.72 -26.33 -7.08
N GLN A 67 -3.72 -26.29 -7.02
CA GLN A 67 -2.92 -27.50 -6.62
CA GLN A 67 -2.89 -27.46 -6.65
C GLN A 67 -3.26 -27.80 -5.15
C GLN A 67 -3.08 -27.80 -5.16
N ILE A 68 -3.21 -26.78 -4.30
CA ILE A 68 -3.43 -27.03 -2.84
C ILE A 68 -4.84 -27.53 -2.60
N ARG A 69 -5.83 -26.96 -3.28
CA ARG A 69 -7.23 -27.38 -3.10
C ARG A 69 -7.45 -28.83 -3.60
N ARG A 70 -6.59 -29.33 -4.51
N ARG A 70 -6.63 -29.35 -4.53
CA ARG A 70 -6.63 -30.76 -4.94
CA ARG A 70 -6.70 -30.80 -4.85
C ARG A 70 -6.09 -31.69 -3.84
C ARG A 70 -6.28 -31.64 -3.65
N ALA A 71 -5.25 -31.19 -2.92
CA ALA A 71 -4.50 -32.01 -1.93
C ALA A 71 -5.11 -31.88 -0.52
N GLU A 72 -5.75 -30.76 -0.19
CA GLU A 72 -6.14 -30.50 1.23
C GLU A 72 -7.66 -30.34 1.30
N PRO A 73 -8.34 -31.06 2.22
CA PRO A 73 -9.80 -31.07 2.25
C PRO A 73 -10.46 -29.75 2.66
N ASN A 74 -9.86 -29.09 3.66
CA ASN A 74 -10.43 -27.92 4.36
C ASN A 74 -9.55 -26.71 4.08
N VAL A 75 -9.92 -25.89 3.10
CA VAL A 75 -9.10 -24.76 2.65
C VAL A 75 -9.96 -23.52 2.66
N LEU A 76 -9.41 -22.42 3.17
CA LEU A 76 -9.94 -21.08 3.00
C LEU A 76 -8.89 -20.25 2.26
N LEU A 77 -9.31 -19.45 1.29
CA LEU A 77 -8.46 -18.47 0.60
C LEU A 77 -8.95 -17.08 0.95
N LEU A 78 -8.10 -16.34 1.67
CA LEU A 78 -8.46 -15.06 2.31
C LEU A 78 -7.58 -13.95 1.76
N ASP A 79 -8.13 -12.76 1.66
CA ASP A 79 -7.31 -11.58 1.33
C ASP A 79 -7.51 -10.53 2.41
N ALA A 80 -6.39 -9.98 2.90
CA ALA A 80 -6.40 -9.01 4.03
C ALA A 80 -6.39 -7.57 3.54
N GLY A 81 -6.81 -7.31 2.31
CA GLY A 81 -7.07 -5.95 1.85
C GLY A 81 -5.93 -5.34 1.03
N ASP A 82 -6.25 -4.23 0.39
CA ASP A 82 -5.30 -3.46 -0.44
C ASP A 82 -4.99 -4.24 -1.70
N GLN A 83 -6.05 -4.74 -2.35
CA GLN A 83 -6.02 -5.13 -3.80
C GLN A 83 -5.96 -3.84 -4.67
N TYR A 84 -6.76 -2.85 -4.28
CA TYR A 84 -6.78 -1.55 -5.00
C TYR A 84 -5.38 -0.88 -4.93
N GLN A 85 -5.09 -0.15 -5.99
CA GLN A 85 -3.97 0.81 -6.15
C GLN A 85 -2.62 0.10 -6.40
N GLY A 86 -1.91 0.48 -7.45
CA GLY A 86 -0.52 0.02 -7.61
C GLY A 86 0.00 0.00 -9.02
N THR A 87 -0.87 -0.22 -10.03
CA THR A 87 -0.45 -0.25 -11.45
C THR A 87 -1.53 0.38 -12.30
N ILE A 88 -1.21 0.47 -13.58
CA ILE A 88 -2.15 0.94 -14.63
C ILE A 88 -3.42 0.08 -14.62
N TRP A 89 -3.39 -1.18 -14.19
CA TRP A 89 -4.65 -1.96 -14.05
C TRP A 89 -5.70 -1.21 -13.26
N PHE A 90 -5.33 -0.71 -12.10
CA PHE A 90 -6.24 0.03 -11.22
C PHE A 90 -6.65 1.35 -11.85
N THR A 91 -5.71 2.04 -12.47
CA THR A 91 -5.98 3.34 -13.12
C THR A 91 -7.10 3.18 -14.13
N VAL A 92 -7.03 2.10 -14.91
CA VAL A 92 -8.01 1.92 -16.04
C VAL A 92 -9.29 1.21 -15.60
N TYR A 93 -9.17 0.15 -14.83
CA TYR A 93 -10.32 -0.71 -14.53
C TYR A 93 -10.96 -0.40 -13.18
N LYS A 94 -10.24 0.32 -12.30
CA LYS A 94 -10.82 1.00 -11.10
C LYS A 94 -11.48 0.01 -10.14
N GLY A 95 -10.94 -1.20 -10.07
CA GLY A 95 -11.46 -2.24 -9.21
C GLY A 95 -12.26 -3.34 -9.92
N ALA A 96 -12.72 -3.11 -11.16
CA ALA A 96 -13.41 -4.20 -11.92
C ALA A 96 -12.49 -5.40 -12.10
N GLU A 97 -11.19 -5.16 -12.26
CA GLU A 97 -10.18 -6.22 -12.40
C GLU A 97 -10.07 -7.00 -11.09
N VAL A 98 -10.25 -6.33 -9.97
CA VAL A 98 -10.12 -6.96 -8.64
C VAL A 98 -11.31 -7.92 -8.50
N ALA A 99 -12.53 -7.45 -8.74
CA ALA A 99 -13.68 -8.36 -8.60
C ALA A 99 -13.53 -9.51 -9.58
N HIS A 100 -13.20 -9.23 -10.83
CA HIS A 100 -13.15 -10.27 -11.87
C HIS A 100 -12.14 -11.36 -11.50
N PHE A 101 -10.89 -10.99 -11.20
CA PHE A 101 -9.84 -11.98 -10.96
C PHE A 101 -9.95 -12.61 -9.57
N MET A 102 -10.38 -11.87 -8.55
CA MET A 102 -10.63 -12.51 -7.24
C MET A 102 -11.79 -13.51 -7.37
N ASN A 103 -12.81 -13.19 -8.16
CA ASN A 103 -13.93 -14.14 -8.39
C ASN A 103 -13.38 -15.38 -9.12
N ALA A 104 -12.49 -15.18 -10.10
CA ALA A 104 -11.94 -16.32 -10.86
C ALA A 104 -11.09 -17.26 -9.97
N LEU A 105 -10.37 -16.70 -9.00
N LEU A 105 -10.38 -16.68 -9.00
CA LEU A 105 -9.56 -17.54 -8.07
CA LEU A 105 -9.55 -17.42 -8.00
C LEU A 105 -10.43 -18.05 -6.90
C LEU A 105 -10.46 -18.07 -6.94
N ARG A 106 -11.72 -17.66 -6.83
CA ARG A 106 -12.66 -18.17 -5.83
C ARG A 106 -12.16 -17.86 -4.42
N TYR A 107 -11.74 -16.61 -4.18
CA TYR A 107 -11.53 -16.18 -2.77
C TYR A 107 -12.75 -16.47 -1.92
N ASP A 108 -12.52 -16.85 -0.67
CA ASP A 108 -13.59 -17.12 0.31
C ASP A 108 -14.01 -15.89 1.10
N ALA A 109 -13.13 -14.94 1.31
CA ALA A 109 -13.44 -13.69 2.01
C ALA A 109 -12.29 -12.68 1.83
N MET A 110 -12.63 -11.41 1.96
CA MET A 110 -11.66 -10.29 1.89
C MET A 110 -12.01 -9.29 2.96
N ALA A 111 -11.00 -8.72 3.62
CA ALA A 111 -11.17 -7.57 4.53
C ALA A 111 -10.85 -6.29 3.74
N LEU A 112 -11.56 -5.23 4.06
CA LEU A 112 -11.31 -3.90 3.47
C LEU A 112 -9.98 -3.34 3.98
N GLY A 113 -9.17 -2.92 3.05
CA GLY A 113 -7.93 -2.19 3.27
C GLY A 113 -8.11 -0.70 3.14
N ASN A 114 -7.10 0.07 3.52
CA ASN A 114 -7.18 1.54 3.36
C ASN A 114 -7.33 1.92 1.88
N HIS A 115 -6.58 1.29 0.99
CA HIS A 115 -6.60 1.67 -0.44
C HIS A 115 -7.90 1.30 -1.13
N GLU A 116 -8.74 0.46 -0.51
CA GLU A 116 -10.08 0.24 -1.07
C GLU A 116 -10.94 1.53 -1.05
N PHE A 117 -10.51 2.57 -0.35
CA PHE A 117 -11.22 3.86 -0.31
C PHE A 117 -10.58 4.92 -1.24
N ASP A 118 -9.63 4.55 -2.09
CA ASP A 118 -8.87 5.56 -2.84
C ASP A 118 -9.79 6.34 -3.80
N ASN A 119 -10.81 5.68 -4.32
CA ASN A 119 -11.80 6.32 -5.24
C ASN A 119 -13.08 6.63 -4.50
N GLY A 120 -12.98 6.86 -3.20
CA GLY A 120 -14.14 7.17 -2.36
C GLY A 120 -15.03 5.95 -2.13
N VAL A 121 -16.04 6.17 -1.34
CA VAL A 121 -17.06 5.12 -1.05
CA VAL A 121 -16.96 5.05 -1.05
C VAL A 121 -17.67 4.65 -2.37
N GLU A 122 -17.97 5.59 -3.26
CA GLU A 122 -18.63 5.27 -4.54
C GLU A 122 -17.77 4.32 -5.37
N GLY A 123 -16.46 4.49 -5.33
CA GLY A 123 -15.48 3.68 -6.10
C GLY A 123 -15.19 2.33 -5.45
N LEU A 124 -15.74 2.12 -4.27
CA LEU A 124 -15.71 0.82 -3.55
C LEU A 124 -17.03 0.08 -3.78
N ILE A 125 -18.15 0.78 -3.61
CA ILE A 125 -19.46 0.12 -3.78
C ILE A 125 -19.55 -0.44 -5.21
N GLU A 126 -19.29 0.34 -6.25
N GLU A 126 -19.25 0.41 -6.18
CA GLU A 126 -19.73 0.00 -7.64
CA GLU A 126 -19.22 0.02 -7.59
C GLU A 126 -18.89 -1.13 -8.22
C GLU A 126 -17.79 0.21 -8.11
N PRO A 127 -17.54 -1.03 -8.32
N PRO A 127 -17.00 -0.87 -8.30
CA PRO A 127 -16.77 -2.06 -8.96
CA PRO A 127 -17.48 -2.15 -8.82
C PRO A 127 -16.59 -3.25 -8.02
C PRO A 127 -17.34 -3.24 -7.74
N LEU A 128 -16.54 -3.07 -6.69
CA LEU A 128 -16.09 -4.20 -5.87
C LEU A 128 -17.25 -4.76 -5.03
N LEU A 129 -17.86 -3.96 -4.16
CA LEU A 129 -18.87 -4.58 -3.26
C LEU A 129 -20.03 -5.19 -4.07
N LYS A 130 -20.44 -4.55 -5.14
CA LYS A 130 -21.58 -5.08 -5.90
C LYS A 130 -21.17 -6.26 -6.78
N GLU A 131 -19.91 -6.48 -7.12
CA GLU A 131 -19.48 -7.48 -8.09
C GLU A 131 -18.81 -8.71 -7.44
N ALA A 132 -18.26 -8.60 -6.25
CA ALA A 132 -17.58 -9.71 -5.59
C ALA A 132 -18.58 -10.84 -5.32
N LYS A 133 -18.15 -12.08 -5.51
CA LYS A 133 -18.96 -13.28 -5.20
C LYS A 133 -18.61 -13.80 -3.82
N PHE A 134 -17.86 -13.08 -3.02
CA PHE A 134 -17.36 -13.52 -1.69
C PHE A 134 -17.66 -12.36 -0.75
N PRO A 135 -17.82 -12.62 0.54
CA PRO A 135 -18.07 -11.58 1.52
C PRO A 135 -16.85 -10.68 1.72
N ILE A 136 -17.15 -9.41 1.85
CA ILE A 136 -16.16 -8.36 2.10
C ILE A 136 -16.46 -7.77 3.50
N LEU A 137 -15.41 -7.76 4.35
CA LEU A 137 -15.57 -7.66 5.81
C LEU A 137 -14.84 -6.46 6.40
N SER A 138 -15.49 -5.83 7.35
CA SER A 138 -14.87 -4.89 8.31
C SER A 138 -15.84 -4.58 9.43
N ALA A 139 -15.46 -4.95 10.64
CA ALA A 139 -16.33 -4.74 11.83
C ALA A 139 -16.20 -3.37 12.45
N ASN A 140 -15.24 -2.54 12.00
CA ASN A 140 -14.95 -1.28 12.71
C ASN A 140 -15.21 -0.07 11.83
N ILE A 141 -15.99 -0.23 10.77
CA ILE A 141 -16.44 0.90 9.89
C ILE A 141 -17.94 1.07 10.02
N SER A 142 -18.39 2.24 10.41
CA SER A 142 -19.84 2.56 10.46
C SER A 142 -20.15 3.75 9.57
N ALA A 143 -21.40 3.83 9.11
CA ALA A 143 -21.85 4.88 8.21
C ALA A 143 -23.03 5.54 8.88
N SER A 144 -23.28 6.79 8.50
CA SER A 144 -24.44 7.56 8.98
C SER A 144 -25.13 8.21 7.80
N GLY A 145 -26.29 8.77 8.07
CA GLY A 145 -27.10 9.47 7.07
C GLY A 145 -27.48 8.54 5.92
N PRO A 146 -27.87 9.09 4.75
CA PRO A 146 -28.25 8.28 3.61
C PRO A 146 -27.23 7.21 3.19
N LEU A 147 -25.93 7.46 3.38
CA LEU A 147 -24.93 6.42 3.02
C LEU A 147 -25.23 5.14 3.82
N ALA A 148 -25.63 5.25 5.08
CA ALA A 148 -25.84 4.02 5.88
C ALA A 148 -26.86 3.10 5.18
N SER A 149 -27.92 3.67 4.62
CA SER A 149 -28.94 2.89 3.88
C SER A 149 -28.35 2.33 2.60
N GLN A 150 -27.58 3.15 1.91
N GLN A 150 -27.61 3.16 1.88
CA GLN A 150 -27.03 2.77 0.58
CA GLN A 150 -27.01 2.79 0.58
C GLN A 150 -26.05 1.61 0.71
C GLN A 150 -26.10 1.58 0.74
N ILE A 151 -25.27 1.55 1.81
CA ILE A 151 -24.19 0.55 1.90
C ILE A 151 -24.56 -0.64 2.79
N SER A 152 -25.72 -0.61 3.46
CA SER A 152 -26.12 -1.61 4.47
C SER A 152 -25.99 -3.01 3.83
N GLY A 153 -25.22 -3.87 4.44
CA GLY A 153 -25.09 -5.29 4.05
C GLY A 153 -24.13 -5.50 2.89
N LEU A 154 -23.59 -4.44 2.28
CA LEU A 154 -22.64 -4.63 1.14
C LEU A 154 -21.23 -5.00 1.63
N TYR A 155 -20.94 -4.66 2.88
CA TYR A 155 -19.80 -5.19 3.66
C TYR A 155 -20.39 -5.59 5.02
N LEU A 156 -19.72 -6.53 5.66
CA LEU A 156 -20.26 -7.16 6.88
C LEU A 156 -19.22 -7.12 7.99
N PRO A 157 -19.59 -7.13 9.28
CA PRO A 157 -18.62 -7.26 10.36
C PRO A 157 -17.86 -8.57 10.29
N TYR A 158 -18.58 -9.64 9.94
CA TYR A 158 -18.06 -11.01 9.90
C TYR A 158 -18.96 -11.86 9.00
N LYS A 159 -18.44 -13.00 8.61
CA LYS A 159 -19.23 -14.06 7.95
C LYS A 159 -18.86 -15.39 8.56
N VAL A 160 -19.86 -16.22 8.78
CA VAL A 160 -19.65 -17.63 9.19
C VAL A 160 -19.68 -18.48 7.93
N LEU A 161 -18.60 -19.20 7.65
CA LEU A 161 -18.43 -19.97 6.39
C LEU A 161 -18.42 -21.44 6.71
N PRO A 162 -19.16 -22.25 5.95
CA PRO A 162 -19.05 -23.69 6.07
C PRO A 162 -17.74 -24.17 5.44
N VAL A 163 -17.05 -25.03 6.17
CA VAL A 163 -15.82 -25.68 5.68
C VAL A 163 -15.94 -27.16 6.02
N GLY A 164 -16.01 -28.02 5.00
CA GLY A 164 -16.34 -29.44 5.24
C GLY A 164 -17.58 -29.51 6.10
N ASP A 165 -17.55 -30.24 7.22
CA ASP A 165 -18.73 -30.45 8.10
C ASP A 165 -18.72 -29.42 9.22
N GLU A 166 -17.79 -28.46 9.19
CA GLU A 166 -17.63 -27.49 10.29
C GLU A 166 -17.99 -26.09 9.81
N VAL A 167 -17.91 -25.12 10.72
CA VAL A 167 -18.04 -23.71 10.30
C VAL A 167 -16.85 -22.97 10.89
N VAL A 168 -16.48 -21.90 10.22
CA VAL A 168 -15.41 -20.98 10.67
C VAL A 168 -15.95 -19.56 10.59
N GLY A 169 -15.84 -18.78 11.66
CA GLY A 169 -16.18 -17.36 11.64
C GLY A 169 -14.98 -16.54 11.21
N ILE A 170 -15.23 -15.61 10.29
CA ILE A 170 -14.17 -14.67 9.87
CA ILE A 170 -14.21 -14.66 9.79
C ILE A 170 -14.65 -13.25 10.18
N VAL A 171 -13.90 -12.54 11.01
N VAL A 171 -13.92 -12.57 11.06
CA VAL A 171 -14.24 -11.19 11.50
CA VAL A 171 -14.28 -11.19 11.47
C VAL A 171 -13.23 -10.19 10.94
C VAL A 171 -13.23 -10.24 10.87
N GLY A 172 -13.70 -9.14 10.28
CA GLY A 172 -12.82 -8.22 9.58
C GLY A 172 -12.51 -6.96 10.37
N TYR A 173 -11.44 -6.31 9.94
CA TYR A 173 -11.09 -4.95 10.50
C TYR A 173 -10.25 -4.17 9.49
N THR A 174 -10.30 -2.85 9.66
CA THR A 174 -9.62 -1.91 8.74
C THR A 174 -8.93 -0.79 9.54
N SER A 175 -7.73 -0.39 9.12
CA SER A 175 -6.93 0.64 9.83
C SER A 175 -7.80 1.82 10.28
N LYS A 176 -7.75 2.13 11.56
CA LYS A 176 -8.39 3.35 12.14
C LYS A 176 -7.81 4.61 11.48
N GLU A 177 -6.62 4.49 10.87
CA GLU A 177 -5.92 5.63 10.25
C GLU A 177 -6.32 5.83 8.79
N THR A 178 -7.29 5.05 8.28
CA THR A 178 -7.71 5.15 6.88
C THR A 178 -8.03 6.60 6.45
N PRO A 179 -8.69 7.47 7.24
CA PRO A 179 -8.97 8.86 6.81
C PRO A 179 -7.74 9.66 6.39
N PHE A 180 -6.56 9.29 6.94
CA PHE A 180 -5.28 9.95 6.61
C PHE A 180 -4.55 9.28 5.45
N LEU A 181 -5.01 8.10 5.02
CA LEU A 181 -4.24 7.22 4.12
C LEU A 181 -5.05 6.87 2.88
N SER A 182 -6.21 7.49 2.68
CA SER A 182 -7.10 7.23 1.54
C SER A 182 -8.20 8.30 1.56
N ASN A 183 -9.26 8.07 0.78
CA ASN A 183 -10.34 9.06 0.56
C ASN A 183 -11.72 8.54 0.94
N PRO A 184 -11.92 8.09 2.19
CA PRO A 184 -13.19 7.48 2.56
C PRO A 184 -14.35 8.47 2.71
N GLY A 185 -14.07 9.76 2.77
CA GLY A 185 -15.16 10.74 2.88
C GLY A 185 -15.55 10.99 4.32
N THR A 186 -16.52 11.87 4.57
CA THR A 186 -16.82 12.37 5.97
C THR A 186 -18.00 11.64 6.60
N ASN A 187 -18.56 10.67 5.96
N ASN A 187 -18.56 10.62 5.92
CA ASN A 187 -19.63 9.94 6.64
CA ASN A 187 -19.79 9.83 6.28
C ASN A 187 -18.99 8.85 7.51
C ASN A 187 -19.47 8.40 6.76
N LEU A 188 -18.18 8.05 6.84
CA LEU A 188 -17.69 6.81 7.48
C LEU A 188 -16.90 7.16 8.73
N VAL A 189 -17.03 6.33 9.75
CA VAL A 189 -16.23 6.43 11.00
C VAL A 189 -15.49 5.11 11.15
N PHE A 190 -14.19 5.24 11.37
CA PHE A 190 -13.28 4.10 11.65
C PHE A 190 -13.04 4.07 13.15
N GLU A 191 -13.59 3.03 13.78
CA GLU A 191 -13.55 2.78 15.24
C GLU A 191 -12.23 2.08 15.56
N ASP A 192 -11.79 2.26 16.79
CA ASP A 192 -10.74 1.41 17.38
C ASP A 192 -11.01 -0.06 17.05
N GLU A 193 -10.01 -0.75 16.52
CA GLU A 193 -10.18 -2.14 16.04
C GLU A 193 -10.59 -3.05 17.20
N ILE A 194 -9.84 -3.06 18.31
CA ILE A 194 -10.09 -4.03 19.41
C ILE A 194 -11.47 -3.74 20.01
N THR A 195 -11.82 -2.50 20.23
CA THR A 195 -13.15 -2.09 20.75
C THR A 195 -14.27 -2.66 19.88
N ALA A 196 -14.12 -2.58 18.56
CA ALA A 196 -15.18 -3.03 17.61
C ALA A 196 -15.17 -4.56 17.55
N LEU A 197 -14.01 -5.19 17.55
CA LEU A 197 -13.92 -6.64 17.33
C LEU A 197 -14.51 -7.43 18.50
N GLN A 198 -14.24 -7.03 19.73
CA GLN A 198 -14.53 -7.91 20.87
C GLN A 198 -16.01 -8.28 20.90
N PRO A 199 -16.98 -7.34 20.80
CA PRO A 199 -18.37 -7.75 20.94
C PRO A 199 -18.79 -8.67 19.77
N GLU A 200 -18.19 -8.56 18.59
CA GLU A 200 -18.56 -9.41 17.46
C GLU A 200 -18.06 -10.83 17.73
N VAL A 201 -16.85 -10.95 18.23
CA VAL A 201 -16.27 -12.28 18.57
C VAL A 201 -17.08 -12.92 19.70
N ASP A 202 -17.46 -12.11 20.69
N ASP A 202 -17.46 -12.17 20.73
CA ASP A 202 -18.38 -12.51 21.81
CA ASP A 202 -18.33 -12.78 21.78
C ASP A 202 -19.71 -13.05 21.26
C ASP A 202 -19.68 -13.18 21.14
N LYS A 203 -20.25 -12.38 20.24
CA LYS A 203 -21.54 -12.78 19.65
C LYS A 203 -21.36 -14.10 18.91
N LEU A 204 -20.28 -14.28 18.15
CA LEU A 204 -20.05 -15.57 17.44
C LEU A 204 -20.04 -16.73 18.45
N LYS A 205 -19.43 -16.54 19.63
CA LYS A 205 -19.38 -17.63 20.62
C LYS A 205 -20.80 -17.99 21.08
N THR A 206 -21.68 -16.99 21.23
CA THR A 206 -23.10 -17.26 21.57
C THR A 206 -23.82 -18.02 20.46
N LEU A 207 -23.33 -17.96 19.23
CA LEU A 207 -23.94 -18.63 18.05
C LEU A 207 -23.25 -19.97 17.76
N ASN A 208 -22.52 -20.49 18.73
CA ASN A 208 -21.88 -21.82 18.66
C ASN A 208 -20.79 -21.84 17.55
N VAL A 209 -20.12 -20.73 17.32
CA VAL A 209 -18.98 -20.71 16.37
C VAL A 209 -17.72 -20.59 17.24
N ASN A 210 -16.91 -21.65 17.26
CA ASN A 210 -15.79 -21.84 18.21
C ASN A 210 -14.45 -21.74 17.45
N LYS A 211 -14.47 -21.52 16.15
CA LYS A 211 -13.23 -21.35 15.33
C LYS A 211 -13.33 -20.00 14.63
N ILE A 212 -12.47 -19.07 15.04
CA ILE A 212 -12.60 -17.65 14.66
C ILE A 212 -11.26 -17.18 14.10
N ILE A 213 -11.32 -16.61 12.92
CA ILE A 213 -10.17 -15.95 12.24
C ILE A 213 -10.42 -14.45 12.23
N ALA A 214 -9.49 -13.64 12.73
CA ALA A 214 -9.55 -12.18 12.55
C ALA A 214 -8.72 -11.86 11.30
N LEU A 215 -9.39 -11.30 10.30
CA LEU A 215 -8.81 -10.97 8.96
C LEU A 215 -8.89 -9.47 8.80
N GLY A 216 -7.74 -8.79 8.69
CA GLY A 216 -7.87 -7.31 8.63
C GLY A 216 -6.58 -6.59 8.29
N HIS A 217 -6.74 -5.27 8.28
CA HIS A 217 -5.83 -4.38 7.50
C HIS A 217 -5.42 -3.18 8.35
N SER A 218 -4.61 -3.43 9.37
CA SER A 218 -4.15 -2.40 10.33
C SER A 218 -2.62 -2.44 10.54
N GLY A 219 -1.93 -3.43 10.05
CA GLY A 219 -0.50 -3.55 10.23
C GLY A 219 -0.11 -4.53 11.34
N PHE A 220 1.08 -5.07 11.22
CA PHE A 220 1.59 -6.15 12.11
C PHE A 220 1.51 -5.75 13.58
N GLU A 221 1.85 -4.51 13.93
CA GLU A 221 1.80 -4.12 15.34
C GLU A 221 0.38 -4.22 15.87
N MET A 222 -0.61 -3.70 15.14
CA MET A 222 -1.99 -3.85 15.64
C MET A 222 -2.41 -5.33 15.60
N ASP A 223 -1.99 -6.08 14.60
CA ASP A 223 -2.36 -7.51 14.52
C ASP A 223 -1.91 -8.23 15.81
N LYS A 224 -0.73 -7.88 16.32
CA LYS A 224 -0.24 -8.53 17.56
C LYS A 224 -1.11 -8.10 18.76
N LEU A 225 -1.55 -6.86 18.80
CA LEU A 225 -2.43 -6.35 19.88
C LEU A 225 -3.76 -7.07 19.81
N ILE A 226 -4.28 -7.28 18.61
CA ILE A 226 -5.58 -7.98 18.45
C ILE A 226 -5.43 -9.43 18.96
N ALA A 227 -4.36 -10.09 18.54
CA ALA A 227 -4.08 -11.46 18.99
C ALA A 227 -3.98 -11.56 20.52
N GLN A 228 -3.39 -10.55 21.14
CA GLN A 228 -3.21 -10.55 22.60
C GLN A 228 -4.55 -10.31 23.31
N LYS A 229 -5.33 -9.35 22.83
CA LYS A 229 -6.38 -8.71 23.64
C LYS A 229 -7.79 -9.18 23.26
N VAL A 230 -8.03 -9.59 22.02
CA VAL A 230 -9.41 -9.97 21.62
C VAL A 230 -9.65 -11.44 21.95
N ARG A 231 -10.36 -11.66 23.06
CA ARG A 231 -10.60 -13.01 23.60
C ARG A 231 -11.45 -13.78 22.58
N GLY A 232 -11.01 -14.99 22.23
CA GLY A 232 -11.74 -15.89 21.32
C GLY A 232 -11.21 -15.87 19.91
N VAL A 233 -10.28 -14.96 19.58
CA VAL A 233 -9.63 -14.99 18.25
C VAL A 233 -8.61 -16.14 18.23
N ASP A 234 -8.72 -17.04 17.26
CA ASP A 234 -7.81 -18.19 17.17
C ASP A 234 -6.58 -17.91 16.32
N VAL A 235 -6.72 -17.07 15.31
CA VAL A 235 -5.70 -16.80 14.27
CA VAL A 235 -5.60 -16.74 14.41
C VAL A 235 -5.88 -15.34 13.86
N VAL A 236 -4.83 -14.59 13.61
CA VAL A 236 -4.93 -13.24 12.98
C VAL A 236 -4.22 -13.32 11.63
N VAL A 237 -4.91 -12.94 10.60
CA VAL A 237 -4.40 -12.83 9.23
C VAL A 237 -4.42 -11.36 8.84
N GLY A 238 -3.22 -10.77 8.71
CA GLY A 238 -3.13 -9.31 8.57
C GLY A 238 -2.46 -8.82 7.31
N GLY A 239 -2.19 -7.53 7.31
CA GLY A 239 -1.67 -6.83 6.15
C GLY A 239 -1.24 -5.40 6.48
N HIS A 240 -1.22 -4.57 5.46
CA HIS A 240 -0.96 -3.09 5.49
C HIS A 240 0.54 -2.76 5.58
N SER A 241 1.24 -3.41 6.51
CA SER A 241 2.67 -3.14 6.77
C SER A 241 3.62 -3.94 5.87
N ASN A 242 3.09 -4.68 4.91
CA ASN A 242 3.86 -5.49 3.94
C ASN A 242 4.85 -6.38 4.69
N THR A 243 4.41 -6.97 5.76
CA THR A 243 5.33 -7.68 6.69
C THR A 243 5.65 -9.07 6.11
N PHE A 244 6.94 -9.41 6.05
CA PHE A 244 7.38 -10.74 5.67
C PHE A 244 7.84 -11.51 6.91
N LEU A 245 7.18 -12.64 7.13
CA LEU A 245 7.45 -13.60 8.21
C LEU A 245 7.89 -14.90 7.57
N TYR A 246 8.83 -15.58 8.20
CA TYR A 246 9.34 -16.85 7.65
C TYR A 246 9.97 -17.65 8.75
N THR A 247 9.77 -18.95 8.66
CA THR A 247 10.45 -19.93 9.54
C THR A 247 11.47 -20.72 8.74
N GLY A 248 12.74 -20.39 8.92
CA GLY A 248 13.81 -21.02 8.16
C GLY A 248 14.57 -20.06 7.30
N ASN A 249 15.37 -20.61 6.41
N ASN A 249 15.30 -20.61 6.33
CA ASN A 249 16.16 -19.79 5.48
CA ASN A 249 16.05 -19.75 5.38
C ASN A 249 15.17 -19.14 4.49
C ASN A 249 15.13 -19.14 4.37
N PRO A 250 15.16 -17.80 4.25
CA PRO A 250 14.20 -17.15 3.34
C PRO A 250 14.48 -17.56 1.92
N PRO A 251 13.46 -17.63 1.06
CA PRO A 251 13.63 -18.13 -0.29
C PRO A 251 14.02 -17.10 -1.34
N SER A 252 13.95 -15.82 -0.98
CA SER A 252 14.21 -14.69 -1.92
C SER A 252 14.95 -13.57 -1.16
N LYS A 253 14.76 -12.32 -1.56
CA LYS A 253 15.55 -11.17 -1.04
C LYS A 253 14.88 -10.59 0.22
N GLU A 254 13.60 -10.86 0.47
CA GLU A 254 12.90 -10.23 1.62
C GLU A 254 13.47 -10.82 2.90
N VAL A 255 13.74 -9.97 3.87
CA VAL A 255 14.31 -10.35 5.19
C VAL A 255 13.17 -10.43 6.20
N PRO A 256 12.96 -11.60 6.86
CA PRO A 256 11.84 -11.75 7.77
C PRO A 256 11.91 -10.84 8.97
N ALA A 257 10.77 -10.32 9.38
CA ALA A 257 10.60 -9.50 10.59
C ALA A 257 10.41 -10.43 11.80
N GLY A 258 10.18 -11.71 11.60
CA GLY A 258 9.90 -12.71 12.64
C GLY A 258 9.54 -14.06 12.01
N LYS A 259 9.27 -15.02 12.85
CA LYS A 259 8.87 -16.38 12.43
C LYS A 259 7.46 -16.36 11.83
N TYR A 260 7.20 -17.38 10.98
CA TYR A 260 5.85 -17.63 10.44
C TYR A 260 5.36 -18.93 11.03
N PRO A 261 4.22 -18.97 11.72
CA PRO A 261 3.52 -17.79 12.21
C PRO A 261 4.25 -17.11 13.36
N PHE A 262 3.87 -15.87 13.64
CA PHE A 262 4.40 -15.12 14.80
C PHE A 262 3.45 -15.47 15.95
N ILE A 263 3.99 -16.04 17.04
CA ILE A 263 3.11 -16.48 18.16
C ILE A 263 2.99 -15.37 19.21
N VAL A 264 1.76 -14.98 19.49
CA VAL A 264 1.39 -14.05 20.57
C VAL A 264 0.78 -14.87 21.70
N THR A 265 1.19 -14.59 22.91
CA THR A 265 0.55 -15.18 24.11
C THR A 265 -0.61 -14.26 24.49
N SER A 266 -1.82 -14.78 24.39
CA SER A 266 -3.03 -13.98 24.65
C SER A 266 -3.16 -13.72 26.15
N ASP A 267 -3.89 -12.68 26.49
CA ASP A 267 -4.27 -12.36 27.89
C ASP A 267 -5.00 -13.53 28.53
N ASP A 268 -5.70 -14.37 27.78
CA ASP A 268 -6.33 -15.57 28.41
C ASP A 268 -5.41 -16.79 28.38
N GLY A 269 -4.15 -16.65 27.99
CA GLY A 269 -3.12 -17.67 28.19
C GLY A 269 -2.99 -18.61 26.98
N ARG A 270 -3.64 -18.32 25.84
CA ARG A 270 -3.62 -19.15 24.60
C ARG A 270 -2.43 -18.68 23.73
N LYS A 271 -1.96 -19.56 22.86
CA LYS A 271 -0.96 -19.24 21.84
C LYS A 271 -1.76 -18.86 20.59
N VAL A 272 -1.61 -17.64 20.08
CA VAL A 272 -2.41 -17.16 18.93
C VAL A 272 -1.46 -16.86 17.80
N PRO A 273 -1.52 -17.60 16.69
CA PRO A 273 -0.69 -17.30 15.54
C PRO A 273 -1.12 -16.06 14.78
N VAL A 274 -0.11 -15.28 14.36
CA VAL A 274 -0.27 -14.04 13.57
C VAL A 274 0.50 -14.25 12.28
N VAL A 275 -0.17 -13.99 11.17
CA VAL A 275 0.48 -14.19 9.84
C VAL A 275 0.23 -12.95 8.98
N GLN A 276 1.13 -12.83 8.04
CA GLN A 276 1.09 -11.82 6.92
C GLN A 276 1.95 -12.41 5.80
N ALA A 277 1.84 -11.90 4.59
CA ALA A 277 2.52 -12.50 3.43
C ALA A 277 3.09 -11.43 2.51
N TYR A 278 3.87 -10.51 3.09
CA TYR A 278 4.64 -9.48 2.35
C TYR A 278 3.62 -8.64 1.55
N ALA A 279 3.76 -8.53 0.23
CA ALA A 279 2.91 -7.67 -0.63
C ALA A 279 3.09 -8.10 -2.07
N PHE A 280 2.29 -7.48 -2.94
CA PHE A 280 2.54 -7.50 -4.40
C PHE A 280 2.31 -8.86 -5.05
N GLY A 281 1.66 -9.76 -4.34
CA GLY A 281 1.35 -11.08 -4.89
C GLY A 281 2.57 -11.97 -5.11
N LYS A 282 3.71 -11.64 -4.50
CA LYS A 282 4.97 -12.39 -4.69
C LYS A 282 4.89 -13.75 -3.96
N TYR A 283 4.17 -13.80 -2.87
CA TYR A 283 4.04 -15.00 -2.02
C TYR A 283 2.57 -15.33 -1.77
N LEU A 284 2.28 -16.64 -1.63
CA LEU A 284 1.00 -17.08 -1.08
C LEU A 284 1.22 -17.51 0.37
N GLY A 285 0.57 -16.87 1.32
CA GLY A 285 0.63 -17.31 2.69
C GLY A 285 0.01 -18.70 2.81
N TYR A 286 0.52 -19.56 3.68
CA TYR A 286 0.05 -20.96 3.82
C TYR A 286 0.24 -21.32 5.30
N LEU A 287 -0.87 -21.46 6.02
CA LEU A 287 -0.84 -21.79 7.45
C LEU A 287 -1.76 -22.98 7.67
N LYS A 288 -1.22 -24.05 8.26
CA LYS A 288 -2.07 -25.21 8.66
C LYS A 288 -2.34 -25.11 10.17
N ILE A 289 -3.60 -25.19 10.56
CA ILE A 289 -4.06 -25.13 11.97
CA ILE A 289 -3.97 -25.18 11.99
C ILE A 289 -4.72 -26.46 12.31
N GLU A 290 -4.36 -27.07 13.40
CA GLU A 290 -5.16 -28.18 13.94
C GLU A 290 -5.99 -27.66 15.10
N PHE A 291 -7.28 -27.95 15.05
CA PHE A 291 -8.24 -27.61 16.12
C PHE A 291 -8.75 -28.87 16.82
N ASP A 292 -9.00 -28.74 18.10
CA ASP A 292 -9.76 -29.78 18.85
C ASP A 292 -11.27 -29.52 18.64
N GLU A 293 -12.09 -30.41 19.21
CA GLU A 293 -13.57 -30.43 19.11
C GLU A 293 -14.17 -29.12 19.63
N ARG A 294 -13.48 -28.43 20.54
CA ARG A 294 -13.99 -27.20 21.19
C ARG A 294 -13.42 -25.95 20.52
N GLY A 295 -12.71 -26.12 19.42
CA GLY A 295 -12.19 -24.98 18.66
C GLY A 295 -10.92 -24.39 19.24
N ASN A 296 -10.22 -25.15 20.09
CA ASN A 296 -8.88 -24.70 20.56
C ASN A 296 -7.83 -25.07 19.52
N VAL A 297 -6.89 -24.15 19.30
CA VAL A 297 -5.77 -24.45 18.37
C VAL A 297 -4.81 -25.38 19.12
N ILE A 298 -4.60 -26.57 18.58
CA ILE A 298 -3.64 -27.59 19.08
C ILE A 298 -2.24 -27.31 18.50
N SER A 299 -2.16 -26.90 17.24
CA SER A 299 -0.86 -26.65 16.57
C SER A 299 -1.10 -25.70 15.40
N SER A 300 -0.07 -25.02 14.98
CA SER A 300 -0.10 -24.19 13.78
C SER A 300 1.30 -24.25 13.18
N HIS A 301 1.40 -24.33 11.87
CA HIS A 301 2.71 -24.32 11.18
C HIS A 301 2.48 -23.95 9.74
N GLY A 302 3.51 -23.43 9.13
CA GLY A 302 3.45 -23.20 7.69
C GLY A 302 4.56 -22.28 7.23
N ASN A 303 4.34 -21.61 6.12
CA ASN A 303 5.29 -20.63 5.58
C ASN A 303 4.69 -20.05 4.32
N PRO A 304 4.98 -18.78 3.99
CA PRO A 304 4.60 -18.29 2.68
C PRO A 304 5.36 -19.06 1.59
N ILE A 305 4.69 -19.24 0.46
CA ILE A 305 5.21 -19.95 -0.73
C ILE A 305 5.61 -18.87 -1.74
N LEU A 306 6.89 -18.84 -2.11
CA LEU A 306 7.36 -17.94 -3.17
C LEU A 306 6.73 -18.38 -4.51
N LEU A 307 6.04 -17.44 -5.14
CA LEU A 307 5.39 -17.74 -6.44
C LEU A 307 6.39 -17.43 -7.56
N ASP A 308 7.39 -18.29 -7.67
CA ASP A 308 8.46 -18.09 -8.68
C ASP A 308 8.14 -18.85 -9.99
N SER A 309 9.06 -18.77 -10.95
CA SER A 309 8.80 -19.25 -12.33
CA SER A 309 8.79 -19.25 -12.32
C SER A 309 8.72 -20.77 -12.37
N SER A 310 9.10 -21.49 -11.31
CA SER A 310 8.94 -22.97 -11.31
C SER A 310 7.45 -23.33 -11.29
N ILE A 311 6.57 -22.40 -10.94
CA ILE A 311 5.10 -22.64 -10.92
C ILE A 311 4.55 -22.04 -12.21
N PRO A 312 3.89 -22.85 -13.07
CA PRO A 312 3.43 -22.32 -14.36
C PRO A 312 2.26 -21.36 -14.13
N GLU A 313 2.17 -20.35 -15.01
CA GLU A 313 0.98 -19.49 -15.07
C GLU A 313 -0.18 -20.31 -15.66
N ASP A 314 -1.34 -20.28 -15.02
CA ASP A 314 -2.52 -21.00 -15.57
C ASP A 314 -2.83 -20.44 -16.95
N PRO A 315 -2.90 -21.30 -18.00
CA PRO A 315 -3.10 -20.74 -19.33
C PRO A 315 -4.40 -19.96 -19.53
N SER A 316 -5.49 -20.41 -18.91
CA SER A 316 -6.81 -19.74 -19.04
CA SER A 316 -6.77 -19.70 -19.14
C SER A 316 -6.75 -18.34 -18.41
N ILE A 317 -6.24 -18.26 -17.20
CA ILE A 317 -6.19 -16.94 -16.54
C ILE A 317 -5.23 -16.06 -17.35
N LYS A 318 -4.10 -16.60 -17.81
CA LYS A 318 -3.11 -15.81 -18.54
C LYS A 318 -3.78 -15.25 -19.80
N ALA A 319 -4.56 -16.08 -20.53
CA ALA A 319 -5.22 -15.58 -21.75
C ALA A 319 -6.25 -14.48 -21.44
N ASP A 320 -6.89 -14.53 -20.30
CA ASP A 320 -7.87 -13.49 -19.90
CA ASP A 320 -7.86 -13.50 -19.85
C ASP A 320 -7.08 -12.22 -19.54
N ILE A 321 -5.99 -12.37 -18.82
CA ILE A 321 -5.08 -11.22 -18.46
C ILE A 321 -4.67 -10.54 -19.79
N ASN A 322 -4.20 -11.34 -20.76
CA ASN A 322 -3.73 -10.78 -22.05
C ASN A 322 -4.85 -10.05 -22.78
N LYS A 323 -6.10 -10.55 -22.71
CA LYS A 323 -7.26 -9.86 -23.33
C LYS A 323 -7.49 -8.52 -22.60
N TRP A 324 -7.47 -8.52 -21.27
CA TRP A 324 -7.74 -7.28 -20.49
C TRP A 324 -6.61 -6.25 -20.72
N ARG A 325 -5.41 -6.70 -21.05
CA ARG A 325 -4.24 -5.82 -21.28
C ARG A 325 -4.48 -4.88 -22.47
N ILE A 326 -5.34 -5.25 -23.41
CA ILE A 326 -5.45 -4.44 -24.65
C ILE A 326 -5.84 -3.01 -24.28
N LYS A 327 -6.84 -2.82 -23.41
CA LYS A 327 -7.31 -1.47 -23.04
C LYS A 327 -6.22 -0.71 -22.26
N LEU A 328 -5.35 -1.42 -21.52
CA LEU A 328 -4.21 -0.77 -20.83
C LEU A 328 -3.23 -0.20 -21.87
N ASP A 329 -2.88 -0.99 -22.87
CA ASP A 329 -1.98 -0.57 -23.95
C ASP A 329 -2.58 0.66 -24.62
N ASP A 330 -3.89 0.64 -24.90
CA ASP A 330 -4.56 1.76 -25.60
C ASP A 330 -4.47 3.00 -24.69
N TYR A 331 -4.75 2.83 -23.42
CA TYR A 331 -4.80 3.96 -22.49
C TYR A 331 -3.41 4.64 -22.39
N SER A 332 -2.37 3.82 -22.45
CA SER A 332 -0.97 4.20 -22.20
CA SER A 332 -1.00 4.29 -22.13
C SER A 332 -0.50 5.32 -23.13
N THR A 333 -1.11 5.44 -24.32
CA THR A 333 -0.68 6.43 -25.34
C THR A 333 -1.69 7.57 -25.48
N GLN A 334 -2.73 7.62 -24.64
CA GLN A 334 -3.76 8.69 -24.69
C GLN A 334 -3.20 9.96 -24.04
N GLU A 335 -3.64 11.12 -24.49
CA GLU A 335 -3.29 12.38 -23.82
C GLU A 335 -3.96 12.45 -22.45
N LEU A 336 -3.15 12.66 -21.42
CA LEU A 336 -3.61 12.89 -20.03
C LEU A 336 -3.91 14.38 -19.80
N GLY A 337 -3.14 15.22 -20.46
CA GLY A 337 -3.16 16.66 -20.26
C GLY A 337 -2.03 17.28 -21.08
N LYS A 338 -1.80 18.57 -20.90
CA LYS A 338 -0.77 19.31 -21.68
C LYS A 338 0.21 19.97 -20.73
N THR A 339 1.44 20.14 -21.23
CA THR A 339 2.42 21.07 -20.66
C THR A 339 2.73 22.14 -21.73
N ILE A 340 2.84 23.38 -21.29
CA ILE A 340 3.32 24.50 -22.15
C ILE A 340 4.81 24.79 -21.85
N VAL A 341 5.43 24.06 -20.91
CA VAL A 341 6.84 24.21 -20.56
C VAL A 341 7.54 22.89 -20.80
N TYR A 342 8.81 22.96 -21.14
CA TYR A 342 9.70 21.79 -21.10
C TYR A 342 9.74 21.27 -19.66
N LEU A 343 9.51 19.96 -19.49
CA LEU A 343 9.57 19.32 -18.17
C LEU A 343 10.98 18.76 -18.02
N ASP A 344 11.81 19.51 -17.31
CA ASP A 344 13.25 19.20 -17.19
C ASP A 344 13.45 18.16 -16.09
N GLY A 345 13.46 16.92 -16.51
CA GLY A 345 13.86 15.75 -15.70
C GLY A 345 15.24 15.23 -16.03
N SER A 346 16.10 16.07 -16.60
CA SER A 346 17.49 15.69 -16.95
C SER A 346 18.25 15.47 -15.65
N SER A 347 19.23 14.57 -15.63
CA SER A 347 20.07 14.42 -14.42
C SER A 347 20.94 15.69 -14.22
N GLN A 348 21.42 16.28 -15.31
CA GLN A 348 22.27 17.49 -15.26
C GLN A 348 21.55 18.60 -14.49
N SER A 349 20.21 18.64 -14.52
CA SER A 349 19.45 19.58 -13.66
C SER A 349 19.12 18.94 -12.33
N CYS A 350 18.38 17.83 -12.32
CA CYS A 350 17.72 17.36 -11.08
C CYS A 350 18.69 16.73 -10.08
N ARG A 351 19.92 16.42 -10.47
CA ARG A 351 20.93 15.98 -9.49
C ARG A 351 21.83 17.14 -9.06
N PHE A 352 21.58 18.36 -9.52
CA PHE A 352 22.43 19.51 -9.23
C PHE A 352 21.72 20.74 -8.68
N ARG A 353 20.44 20.90 -8.94
CA ARG A 353 19.76 22.14 -8.52
C ARG A 353 18.26 21.88 -8.64
N GLU A 354 17.47 22.80 -8.20
CA GLU A 354 16.01 22.73 -8.36
C GLU A 354 15.72 22.51 -9.84
N CYS A 355 14.87 21.53 -10.13
CA CYS A 355 14.41 21.27 -11.50
C CYS A 355 12.89 21.31 -11.54
N ASN A 356 12.33 21.77 -12.66
CA ASN A 356 10.85 21.93 -12.69
C ASN A 356 10.13 20.56 -12.72
N MET A 357 10.74 19.50 -13.23
CA MET A 357 10.12 18.17 -13.10
C MET A 357 9.98 17.76 -11.64
N GLY A 358 10.99 18.02 -10.83
CA GLY A 358 10.96 17.74 -9.40
C GLY A 358 9.85 18.49 -8.70
N ASN A 359 9.70 19.75 -9.06
CA ASN A 359 8.63 20.61 -8.49
C ASN A 359 7.25 20.05 -8.85
N LEU A 360 7.09 19.66 -10.12
CA LEU A 360 5.81 19.09 -10.59
C LEU A 360 5.47 17.84 -9.77
N ILE A 361 6.45 16.93 -9.65
CA ILE A 361 6.15 15.64 -9.01
C ILE A 361 5.84 15.86 -7.54
N CYS A 362 6.62 16.67 -6.86
CA CYS A 362 6.32 16.99 -5.43
C CYS A 362 4.97 17.70 -5.29
N ASP A 363 4.59 18.59 -6.22
CA ASP A 363 3.28 19.26 -6.14
C ASP A 363 2.17 18.20 -6.32
N ALA A 364 2.38 17.24 -7.23
CA ALA A 364 1.43 16.12 -7.41
C ALA A 364 1.33 15.30 -6.15
N MET A 365 2.45 15.04 -5.51
CA MET A 365 2.50 14.24 -4.28
C MET A 365 1.66 14.92 -3.21
N ILE A 366 1.85 16.21 -3.02
CA ILE A 366 1.07 16.91 -1.96
CA ILE A 366 1.09 16.98 -1.99
C ILE A 366 -0.40 16.91 -2.36
N ASN A 367 -0.72 17.19 -3.62
CA ASN A 367 -2.15 17.17 -4.04
C ASN A 367 -2.80 15.82 -3.77
N ASN A 368 -2.08 14.73 -4.01
CA ASN A 368 -2.59 13.33 -3.78
C ASN A 368 -2.92 13.09 -2.30
N ASN A 369 -2.26 13.84 -1.42
CA ASN A 369 -2.36 13.62 0.04
C ASN A 369 -3.23 14.71 0.69
N LEU A 370 -4.07 15.39 -0.08
CA LEU A 370 -5.13 16.25 0.49
C LEU A 370 -6.23 15.32 1.02
N ARG A 371 -6.44 15.36 2.32
CA ARG A 371 -7.47 14.50 2.98
C ARG A 371 -8.37 15.41 3.79
N HIS A 372 -9.38 14.88 4.42
CA HIS A 372 -10.29 15.66 5.28
C HIS A 372 -9.53 16.18 6.51
N ALA A 373 -9.79 17.45 6.73
CA ALA A 373 -9.03 18.39 7.55
C ALA A 373 -10.06 18.87 8.54
N ASP A 374 -9.80 18.80 9.84
CA ASP A 374 -10.65 19.47 10.85
C ASP A 374 -10.19 20.94 10.94
N GLU A 375 -10.53 21.53 12.06
CA GLU A 375 -10.28 22.94 12.37
C GLU A 375 -8.81 23.08 12.78
N MET A 376 -8.05 22.00 12.97
CA MET A 376 -6.68 22.03 13.54
C MET A 376 -5.61 22.09 12.45
N PHE A 377 -5.94 21.91 11.18
CA PHE A 377 -4.93 21.96 10.10
C PHE A 377 -5.62 22.20 8.76
N TRP A 378 -4.95 22.91 7.88
CA TRP A 378 -5.51 23.09 6.52
C TRP A 378 -5.42 21.74 5.80
N ASN A 379 -4.30 21.04 6.01
CA ASN A 379 -4.13 19.67 5.53
C ASN A 379 -3.17 18.98 6.48
N HIS A 380 -3.27 17.69 6.65
CA HIS A 380 -2.44 16.98 7.61
C HIS A 380 -0.97 16.96 7.19
N VAL A 381 -0.67 17.11 5.92
CA VAL A 381 0.72 17.04 5.41
C VAL A 381 0.94 18.15 4.39
N SER A 382 2.14 18.76 4.42
CA SER A 382 2.48 19.92 3.57
C SER A 382 3.81 19.75 2.87
N MET A 383 4.54 18.66 3.10
CA MET A 383 5.96 18.59 2.75
C MET A 383 6.28 17.35 1.92
N CYS A 384 7.26 17.48 1.02
CA CYS A 384 7.62 16.46 0.06
C CYS A 384 9.11 16.50 -0.18
N ILE A 385 9.73 15.36 -0.25
CA ILE A 385 11.10 15.23 -0.81
C ILE A 385 11.14 14.11 -1.81
N LEU A 386 12.01 14.29 -2.79
CA LEU A 386 12.11 13.37 -3.93
C LEU A 386 13.57 13.32 -4.40
N ASN A 387 14.22 12.17 -4.32
CA ASN A 387 15.62 12.13 -4.77
C ASN A 387 15.71 12.31 -6.28
N GLY A 388 16.66 13.11 -6.75
CA GLY A 388 16.88 13.35 -8.18
C GLY A 388 17.18 12.08 -8.93
N GLY A 389 17.79 11.10 -8.28
CA GLY A 389 18.05 9.80 -8.88
C GLY A 389 16.78 9.05 -9.23
N GLY A 390 15.66 9.44 -8.67
CA GLY A 390 14.38 8.79 -9.00
C GLY A 390 13.70 9.38 -10.21
N ILE A 391 14.25 10.44 -10.78
CA ILE A 391 13.71 11.17 -11.96
C ILE A 391 14.54 10.75 -13.14
N ARG A 392 13.96 10.04 -14.12
CA ARG A 392 14.80 9.30 -15.08
C ARG A 392 14.63 9.81 -16.50
N SER A 393 13.80 10.84 -16.74
CA SER A 393 13.64 11.37 -18.12
C SER A 393 13.03 12.75 -18.01
N PRO A 394 13.35 13.62 -18.98
CA PRO A 394 12.52 14.80 -19.22
C PRO A 394 11.28 14.41 -20.05
N ILE A 395 10.41 15.39 -20.24
CA ILE A 395 9.29 15.32 -21.21
C ILE A 395 9.34 16.62 -22.01
N ASP A 396 9.48 16.45 -23.32
CA ASP A 396 9.42 17.55 -24.29
C ASP A 396 7.98 18.03 -24.47
N GLU A 397 7.82 19.38 -24.51
CA GLU A 397 6.50 20.03 -24.72
C GLU A 397 6.14 20.20 -26.20
N ARG A 398 7.04 19.85 -27.11
CA ARG A 398 6.84 20.20 -28.53
C ARG A 398 6.05 19.09 -29.27
N ASN A 399 5.47 18.06 -28.58
CA ASN A 399 4.48 17.10 -29.18
C ASN A 399 3.08 17.69 -28.95
N ASP A 400 2.85 18.93 -29.42
CA ASP A 400 1.57 19.66 -29.18
C ASP A 400 1.24 19.78 -27.68
N GLY A 401 2.25 19.74 -26.83
CA GLY A 401 2.09 19.79 -25.38
C GLY A 401 1.66 18.46 -24.75
N THR A 402 1.33 17.44 -25.54
CA THR A 402 0.75 16.20 -24.99
C THR A 402 1.68 15.60 -23.96
N ILE A 403 1.07 15.06 -22.90
CA ILE A 403 1.73 14.13 -21.93
C ILE A 403 0.90 12.85 -21.92
N THR A 404 1.54 11.71 -22.07
CA THR A 404 0.91 10.38 -21.95
C THR A 404 1.47 9.62 -20.75
N TRP A 405 0.74 8.58 -20.38
CA TRP A 405 1.21 7.65 -19.34
C TRP A 405 2.58 7.11 -19.71
N GLU A 406 2.79 6.71 -20.95
CA GLU A 406 4.08 6.18 -21.45
C GLU A 406 5.18 7.21 -21.18
N ASN A 407 4.90 8.49 -21.39
CA ASN A 407 5.91 9.52 -21.10
C ASN A 407 6.23 9.53 -19.59
N LEU A 408 5.19 9.44 -18.75
CA LEU A 408 5.40 9.48 -17.29
C LEU A 408 6.17 8.22 -16.85
N ALA A 409 5.92 7.07 -17.47
CA ALA A 409 6.61 5.81 -17.13
C ALA A 409 8.11 5.91 -17.44
N ALA A 410 8.54 6.75 -18.38
CA ALA A 410 9.98 6.97 -18.65
C ALA A 410 10.55 7.82 -17.50
N VAL A 411 9.77 8.75 -16.97
CA VAL A 411 10.24 9.60 -15.86
C VAL A 411 10.35 8.79 -14.57
N LEU A 412 9.39 7.91 -14.33
CA LEU A 412 9.21 7.16 -13.08
C LEU A 412 9.09 5.68 -13.43
N PRO A 413 10.22 4.99 -13.68
CA PRO A 413 10.19 3.65 -14.26
C PRO A 413 10.26 2.47 -13.28
N PHE A 414 10.31 2.74 -11.98
CA PHE A 414 10.71 1.74 -10.96
C PHE A 414 9.50 1.04 -10.33
N GLY A 415 8.28 1.55 -10.54
CA GLY A 415 7.08 0.89 -9.99
C GLY A 415 6.90 1.11 -8.51
N GLY A 416 7.36 2.25 -8.05
CA GLY A 416 7.34 2.65 -6.62
C GLY A 416 6.04 3.33 -6.23
N THR A 417 5.99 3.75 -4.98
CA THR A 417 4.91 4.48 -4.36
C THR A 417 5.44 5.76 -3.74
N PHE A 418 4.54 6.70 -3.55
CA PHE A 418 4.81 7.94 -2.79
C PHE A 418 4.12 7.82 -1.45
N ASP A 419 4.95 7.55 -0.43
CA ASP A 419 4.55 7.14 0.92
C ASP A 419 4.48 8.31 1.90
N LEU A 420 3.78 8.07 3.00
CA LEU A 420 3.66 9.04 4.10
C LEU A 420 4.55 8.55 5.25
N VAL A 421 5.44 9.43 5.73
CA VAL A 421 6.26 9.11 6.92
C VAL A 421 6.18 10.25 7.91
N GLN A 422 6.56 9.92 9.14
CA GLN A 422 6.74 10.94 10.19
C GLN A 422 8.22 10.93 10.57
N LEU A 423 8.86 12.11 10.45
CA LEU A 423 10.32 12.30 10.70
C LEU A 423 10.53 13.48 11.66
N LYS A 424 11.35 13.29 12.67
CA LYS A 424 11.79 14.45 13.46
C LYS A 424 12.52 15.45 12.56
N GLY A 425 12.44 16.72 12.95
CA GLY A 425 13.21 17.73 12.21
C GLY A 425 14.72 17.39 12.14
N SER A 426 15.31 16.87 13.22
CA SER A 426 16.72 16.48 13.24
C SER A 426 17.01 15.46 12.12
N THR A 427 16.10 14.51 11.89
CA THR A 427 16.26 13.49 10.83
C THR A 427 16.21 14.18 9.47
N LEU A 428 15.26 15.07 9.28
CA LEU A 428 15.12 15.74 7.96
CA LEU A 428 15.12 15.79 7.99
C LEU A 428 16.38 16.62 7.72
N LYS A 429 16.91 17.28 8.74
CA LYS A 429 18.15 18.08 8.57
C LYS A 429 19.28 17.15 8.14
N LYS A 430 19.39 15.98 8.77
CA LYS A 430 20.39 14.98 8.36
C LYS A 430 20.17 14.54 6.91
N ALA A 431 18.91 14.43 6.47
CA ALA A 431 18.62 14.04 5.08
C ALA A 431 19.10 15.15 4.12
N PHE A 432 18.86 16.42 4.48
CA PHE A 432 19.31 17.53 3.59
C PHE A 432 20.85 17.64 3.58
N GLU A 433 21.51 17.34 4.70
CA GLU A 433 22.98 17.28 4.68
C GLU A 433 23.43 16.14 3.77
N HIS A 434 22.79 14.99 3.84
CA HIS A 434 23.17 13.85 2.98
C HIS A 434 23.01 14.25 1.50
N SER A 435 21.94 15.00 1.18
CA SER A 435 21.58 15.48 -0.16
C SER A 435 22.76 16.12 -0.87
N VAL A 436 23.64 16.80 -0.12
CA VAL A 436 24.78 17.54 -0.71
C VAL A 436 26.13 17.12 -0.11
N HIS A 437 26.24 15.99 0.58
CA HIS A 437 27.49 15.63 1.29
C HIS A 437 28.65 15.47 0.31
N ARG A 438 28.38 15.05 -0.91
CA ARG A 438 29.43 14.76 -1.92
C ARG A 438 29.00 15.46 -3.20
N TYR A 439 28.42 16.64 -3.04
CA TYR A 439 27.86 17.42 -4.18
C TYR A 439 28.89 17.54 -5.31
N GLY A 440 28.43 17.43 -6.55
CA GLY A 440 29.20 17.72 -7.78
C GLY A 440 29.51 16.47 -8.60
N GLN A 441 29.07 15.30 -8.16
CA GLN A 441 29.36 13.99 -8.82
C GLN A 441 28.13 13.44 -9.53
N SER A 442 27.04 14.17 -9.61
CA SER A 442 25.85 13.67 -10.34
C SER A 442 25.30 12.42 -9.63
N THR A 443 25.22 12.45 -8.33
CA THR A 443 24.72 11.30 -7.56
C THR A 443 23.24 11.47 -7.23
N GLY A 444 22.58 10.35 -6.93
CA GLY A 444 21.10 10.35 -6.92
C GLY A 444 20.48 10.99 -5.71
N GLU A 445 21.22 11.19 -4.63
CA GLU A 445 20.59 11.62 -3.34
C GLU A 445 20.18 13.11 -3.30
N PHE A 446 20.56 13.93 -4.28
CA PHE A 446 20.18 15.35 -4.26
C PHE A 446 18.65 15.49 -4.25
N LEU A 447 18.08 16.24 -3.33
CA LEU A 447 16.63 16.25 -3.09
C LEU A 447 15.95 17.42 -3.81
N GLN A 448 14.91 17.05 -4.54
CA GLN A 448 13.84 17.95 -5.02
C GLN A 448 12.79 18.02 -3.90
N VAL A 449 12.04 19.11 -3.86
CA VAL A 449 11.22 19.41 -2.69
C VAL A 449 9.87 20.04 -3.04
N GLY A 450 8.96 19.94 -2.10
CA GLY A 450 7.72 20.72 -2.05
C GLY A 450 7.37 21.06 -0.60
N GLY A 451 6.96 22.30 -0.33
CA GLY A 451 6.60 22.71 1.04
C GLY A 451 7.85 22.89 1.92
N ILE A 452 9.01 22.94 1.28
CA ILE A 452 10.32 23.09 1.96
C ILE A 452 11.12 24.07 1.12
N HIS A 453 11.76 25.01 1.79
CA HIS A 453 12.75 25.93 1.21
C HIS A 453 14.09 25.70 1.91
N VAL A 454 15.07 25.33 1.12
CA VAL A 454 16.40 25.02 1.66
C VAL A 454 17.42 25.94 1.00
N VAL A 455 18.43 26.31 1.77
CA VAL A 455 19.62 27.06 1.29
C VAL A 455 20.85 26.29 1.76
N TYR A 456 21.72 26.01 0.81
CA TYR A 456 23.00 25.33 1.03
C TYR A 456 24.15 26.34 0.90
N ASP A 457 25.21 26.11 1.69
CA ASP A 457 26.51 26.76 1.46
C ASP A 457 27.52 25.65 1.26
N LEU A 458 27.88 25.40 0.00
CA LEU A 458 28.79 24.29 -0.39
C LEU A 458 30.23 24.55 0.05
N SER A 459 30.56 25.77 0.46
CA SER A 459 31.91 26.11 1.00
C SER A 459 32.08 25.51 2.41
N ARG A 460 30.99 25.11 3.07
CA ARG A 460 31.06 24.52 4.43
C ARG A 460 31.43 23.04 4.34
N LYS A 461 31.87 22.47 5.46
CA LYS A 461 32.22 21.03 5.61
C LYS A 461 30.97 20.18 5.33
N PRO A 462 31.11 19.04 4.61
CA PRO A 462 30.02 18.07 4.56
C PRO A 462 29.47 17.84 5.97
N GLY A 463 28.15 17.78 6.06
CA GLY A 463 27.38 17.65 7.30
C GLY A 463 26.99 18.98 7.89
N ASP A 464 27.54 20.08 7.39
CA ASP A 464 27.23 21.42 7.93
C ASP A 464 26.98 22.41 6.77
N ARG A 465 26.41 21.94 5.67
CA ARG A 465 26.13 22.76 4.46
C ARG A 465 24.73 23.37 4.44
N VAL A 466 23.82 22.88 5.26
CA VAL A 466 22.45 23.45 5.27
C VAL A 466 22.44 24.69 6.15
N VAL A 467 22.21 25.85 5.54
CA VAL A 467 22.26 27.13 6.28
C VAL A 467 20.90 27.74 6.52
N LYS A 468 19.87 27.26 5.82
CA LYS A 468 18.49 27.66 6.07
C LYS A 468 17.61 26.48 5.68
N LEU A 469 16.61 26.20 6.48
CA LEU A 469 15.64 25.14 6.17
C LEU A 469 14.33 25.55 6.79
N ASP A 470 13.42 25.95 5.90
CA ASP A 470 12.08 26.41 6.30
C ASP A 470 11.03 25.46 5.72
N VAL A 471 9.95 25.28 6.45
CA VAL A 471 8.93 24.27 6.11
C VAL A 471 7.55 24.89 6.20
N LEU A 472 6.67 24.43 5.30
CA LEU A 472 5.27 24.92 5.28
C LEU A 472 4.49 24.39 6.47
N CYS A 473 3.82 25.25 7.20
CA CYS A 473 3.00 24.82 8.37
C CYS A 473 1.85 23.95 7.87
N THR A 474 1.38 23.10 8.78
CA THR A 474 0.10 22.39 8.66
C THR A 474 -0.94 22.92 9.63
N SER A 475 -0.55 23.13 10.88
CA SER A 475 -1.44 23.57 11.96
C SER A 475 -1.58 25.10 11.88
N CYS A 476 -2.24 25.55 10.84
CA CYS A 476 -2.36 26.96 10.50
C CYS A 476 -3.48 27.07 9.47
N ARG A 477 -4.19 28.20 9.50
CA ARG A 477 -5.27 28.48 8.52
C ARG A 477 -4.73 29.08 7.25
N VAL A 478 -3.61 29.80 7.32
CA VAL A 478 -2.92 30.37 6.16
C VAL A 478 -1.57 29.66 6.07
N PRO A 479 -1.31 28.84 5.04
CA PRO A 479 0.00 28.18 4.95
C PRO A 479 1.10 29.23 4.74
N SER A 480 2.15 29.05 5.56
CA SER A 480 3.33 29.92 5.51
C SER A 480 4.52 29.13 6.01
N TYR A 481 5.70 29.65 5.76
CA TYR A 481 6.97 28.95 6.05
C TYR A 481 7.56 29.42 7.37
N ASP A 482 8.04 28.47 8.14
CA ASP A 482 8.72 28.71 9.42
C ASP A 482 9.99 27.87 9.43
N PRO A 483 10.97 28.27 10.26
CA PRO A 483 12.17 27.45 10.41
C PRO A 483 11.81 26.04 10.90
N LEU A 484 12.53 25.08 10.36
CA LEU A 484 12.40 23.70 10.85
CA LEU A 484 12.52 23.68 10.82
C LEU A 484 12.90 23.64 12.30
N LYS A 485 12.16 22.88 13.11
CA LYS A 485 12.45 22.65 14.57
C LYS A 485 13.00 21.23 14.70
N MET A 486 14.11 21.10 15.40
CA MET A 486 14.81 19.79 15.43
C MET A 486 13.96 18.74 16.16
N ASP A 487 13.20 19.12 17.17
CA ASP A 487 12.46 18.15 18.01
C ASP A 487 11.06 17.88 17.48
N GLU A 488 10.58 18.69 16.56
N GLU A 488 10.60 18.65 16.52
CA GLU A 488 9.18 18.52 16.05
CA GLU A 488 9.20 18.47 16.06
C GLU A 488 9.12 17.36 15.07
C GLU A 488 9.12 17.36 15.04
N VAL A 489 7.99 16.64 15.07
CA VAL A 489 7.78 15.54 14.11
C VAL A 489 6.95 16.07 12.93
N TYR A 490 7.50 15.90 11.73
CA TYR A 490 6.86 16.36 10.48
C TYR A 490 6.35 15.14 9.73
N LYS A 491 5.17 15.33 9.15
CA LYS A 491 4.73 14.43 8.05
C LYS A 491 5.40 14.86 6.75
N VAL A 492 5.88 13.86 6.03
CA VAL A 492 6.57 14.07 4.76
C VAL A 492 6.09 13.00 3.78
N ILE A 493 5.84 13.41 2.54
CA ILE A 493 5.58 12.47 1.43
CA ILE A 493 5.58 12.47 1.43
C ILE A 493 6.90 12.22 0.71
N LEU A 494 7.25 10.99 0.44
CA LEU A 494 8.54 10.65 -0.19
C LEU A 494 8.44 9.29 -0.83
N PRO A 495 9.37 8.98 -1.75
CA PRO A 495 9.32 7.67 -2.39
C PRO A 495 9.55 6.52 -1.42
N ASN A 496 8.91 5.38 -1.64
N ASN A 496 8.88 5.41 -1.65
CA ASN A 496 9.17 4.19 -0.81
CA ASN A 496 9.12 4.17 -0.89
C ASN A 496 10.67 3.91 -0.84
C ASN A 496 10.62 3.87 -0.87
N PHE A 497 11.32 4.14 -1.98
CA PHE A 497 12.77 3.89 -2.10
C PHE A 497 13.55 4.63 -1.00
N LEU A 498 13.15 5.88 -0.68
CA LEU A 498 13.81 6.64 0.40
C LEU A 498 13.36 6.16 1.78
N ALA A 499 12.10 5.82 1.98
CA ALA A 499 11.59 5.30 3.28
C ALA A 499 12.37 4.02 3.64
N ASN A 500 12.84 3.27 2.63
CA ASN A 500 13.61 2.04 2.82
C ASN A 500 15.13 2.31 2.85
N GLY A 501 15.56 3.57 2.90
CA GLY A 501 17.01 3.91 3.03
C GLY A 501 17.78 3.86 1.73
N GLY A 502 17.07 3.97 0.62
CA GLY A 502 17.72 3.98 -0.70
C GLY A 502 18.59 5.24 -0.86
N ASP A 503 19.56 5.18 -1.75
CA ASP A 503 20.45 6.35 -2.08
C ASP A 503 21.12 6.85 -0.80
N GLY A 504 21.42 5.98 0.13
CA GLY A 504 22.18 6.28 1.35
C GLY A 504 21.38 7.01 2.42
N PHE A 505 20.05 7.10 2.33
CA PHE A 505 19.22 7.77 3.34
C PHE A 505 18.91 6.81 4.49
N GLN A 506 19.96 6.23 5.08
CA GLN A 506 19.79 5.26 6.20
C GLN A 506 19.15 5.97 7.38
N MET A 507 19.36 7.28 7.57
CA MET A 507 18.76 7.97 8.71
C MET A 507 17.23 7.96 8.59
N ILE A 508 16.69 8.00 7.37
CA ILE A 508 15.22 8.02 7.24
C ILE A 508 14.71 6.64 7.70
N LYS A 509 15.25 5.58 7.14
CA LYS A 509 14.83 4.19 7.53
C LYS A 509 14.95 4.03 9.05
N ASP A 510 16.08 4.43 9.61
CA ASP A 510 16.42 4.07 11.02
C ASP A 510 15.66 4.95 12.03
N GLU A 511 15.29 6.16 11.63
CA GLU A 511 14.77 7.18 12.59
C GLU A 511 13.27 7.50 12.36
N LEU A 512 12.66 7.02 11.30
CA LEU A 512 11.23 7.38 11.10
C LEU A 512 10.36 6.81 12.22
N LEU A 513 9.29 7.55 12.50
CA LEU A 513 8.38 7.22 13.62
CA LEU A 513 8.37 7.24 13.62
C LEU A 513 7.13 6.53 13.09
N ARG A 514 6.79 6.73 11.80
CA ARG A 514 5.60 6.11 11.20
C ARG A 514 5.88 6.00 9.70
N HIS A 515 5.35 4.98 9.06
N HIS A 515 5.34 4.98 9.04
CA HIS A 515 5.43 4.77 7.60
CA HIS A 515 5.46 4.81 7.57
C HIS A 515 4.12 4.12 7.18
C HIS A 515 4.24 4.04 7.05
N ASP A 516 3.51 4.66 6.12
CA ASP A 516 2.35 4.02 5.49
C ASP A 516 2.55 4.12 3.99
N SER A 517 2.36 3.01 3.29
CA SER A 517 2.58 3.01 1.82
CA SER A 517 2.53 2.94 1.81
C SER A 517 1.48 3.81 1.10
N GLY A 518 1.90 4.50 0.07
CA GLY A 518 0.96 5.37 -0.65
C GLY A 518 0.65 4.87 -2.03
N ASP A 519 0.20 5.81 -2.84
CA ASP A 519 -0.26 5.50 -4.21
C ASP A 519 0.93 5.27 -5.17
N GLN A 520 0.65 4.63 -6.31
CA GLN A 520 1.67 4.38 -7.34
CA GLN A 520 1.67 4.38 -7.33
C GLN A 520 2.22 5.72 -7.81
N ASP A 521 3.53 5.78 -7.97
CA ASP A 521 4.21 7.00 -8.41
C ASP A 521 3.62 7.58 -9.71
N ILE A 522 3.58 6.78 -10.79
CA ILE A 522 3.04 7.30 -12.06
C ILE A 522 1.62 7.83 -11.84
N ASN A 523 0.81 7.04 -11.15
CA ASN A 523 -0.61 7.38 -10.99
C ASN A 523 -0.80 8.71 -10.28
N VAL A 524 0.04 8.95 -9.30
CA VAL A 524 -0.02 10.24 -8.58
C VAL A 524 0.18 11.39 -9.58
N VAL A 525 1.18 11.28 -10.42
CA VAL A 525 1.50 12.40 -11.35
C VAL A 525 0.43 12.47 -12.45
N SER A 526 -0.02 11.32 -12.97
CA SER A 526 -1.03 11.31 -14.04
CA SER A 526 -1.06 11.25 -14.01
C SER A 526 -2.34 11.95 -13.52
N THR A 527 -2.79 11.61 -12.33
CA THR A 527 -4.00 12.19 -11.74
C THR A 527 -3.85 13.71 -11.66
N TYR A 528 -2.72 14.19 -11.20
CA TYR A 528 -2.51 15.64 -11.03
C TYR A 528 -2.57 16.35 -12.39
N ILE A 529 -1.87 15.79 -13.37
CA ILE A 529 -1.85 16.36 -14.74
C ILE A 529 -3.28 16.39 -15.31
N SER A 530 -4.04 15.28 -15.15
CA SER A 530 -5.45 15.25 -15.66
C SER A 530 -6.28 16.33 -14.99
N LYS A 531 -6.12 16.52 -13.69
CA LYS A 531 -6.92 17.52 -12.93
C LYS A 531 -6.55 18.94 -13.40
N MET A 532 -5.24 19.20 -13.58
CA MET A 532 -4.75 20.56 -13.91
CA MET A 532 -4.76 20.57 -13.90
C MET A 532 -5.04 20.92 -15.38
N LYS A 533 -5.04 19.91 -16.28
CA LYS A 533 -5.32 20.08 -17.72
C LYS A 533 -4.14 20.71 -18.47
N VAL A 534 -3.62 21.83 -18.00
CA VAL A 534 -2.46 22.51 -18.63
C VAL A 534 -1.54 22.87 -17.50
N ILE A 535 -0.31 22.37 -17.55
CA ILE A 535 0.69 22.66 -16.47
C ILE A 535 1.83 23.51 -17.03
N TYR A 536 2.47 24.22 -16.09
CA TYR A 536 3.56 25.17 -16.42
C TYR A 536 4.49 25.31 -15.21
N PRO A 537 5.02 24.21 -14.64
CA PRO A 537 5.86 24.32 -13.44
C PRO A 537 7.14 25.13 -13.74
N ALA A 538 7.46 25.99 -12.78
CA ALA A 538 8.62 26.90 -12.80
C ALA A 538 9.66 26.38 -11.78
N VAL A 539 10.90 26.84 -12.00
CA VAL A 539 11.99 26.81 -10.99
C VAL A 539 11.84 28.12 -10.23
N GLU A 540 11.65 28.08 -8.92
CA GLU A 540 11.13 29.27 -8.21
C GLU A 540 11.89 29.58 -6.93
N GLY A 541 13.00 28.91 -6.64
CA GLY A 541 13.77 29.22 -5.43
C GLY A 541 13.47 28.34 -4.24
N ARG A 542 12.90 27.16 -4.45
CA ARG A 542 12.74 26.21 -3.36
C ARG A 542 14.11 25.78 -2.85
N ILE A 543 15.07 25.66 -3.74
CA ILE A 543 16.47 25.25 -3.41
C ILE A 543 17.40 26.35 -3.88
N LYS A 544 18.20 26.89 -2.96
CA LYS A 544 19.20 27.89 -3.33
C LYS A 544 20.58 27.49 -2.80
N PHE A 545 21.57 28.12 -3.40
CA PHE A 545 22.99 28.03 -3.00
C PHE A 545 23.51 29.42 -2.65
N SER A 546 24.28 29.51 -1.59
CA SER A 546 24.73 30.85 -1.14
C SER A 546 26.22 30.97 -1.42
#